data_8AKO
#
_entry.id   8AKO
#
_cell.length_a   101.579
_cell.length_b   101.579
_cell.length_c   377.045
_cell.angle_alpha   90.000
_cell.angle_beta   90.000
_cell.angle_gamma   120.000
#
_symmetry.space_group_name_H-M   'P 61 2 2'
#
loop_
_entity.id
_entity.type
_entity.pdbx_description
1 polymer 'ESX-1 secretion-associated protein EspB'
2 polymer 'ESX-1 secretion-associated protein EspK'
3 water water
#
loop_
_entity_poly.entity_id
_entity_poly.type
_entity_poly.pdbx_seq_one_letter_code
_entity_poly.pdbx_strand_id
1 'polypeptide(L)'
;MTQSQTVTVDQQEILNRANEVEAPMADPPTDVPITPCELTAAKNAAQQLVLSADNMREYLAAGAKERQRLATSLRNAAKA
YGEVDEEAATALDNDGEGTVQAESAGAVGGDSSAELTDTPRVATAGEPNFMDLKEAARKLETGDQGASLAHFADGWNTFN
LTLQGDVKRFRGFDNWEGDAATACEASLDQQRQWILHMAKLSAAMAKQAQYVAQLHVWARREHPTYEDIVGLERLYAENP
SARDQILPVYAEYQQRSEKVLTEYNNKAALEPVNPPKPPPAIKIDPPPPPQEQGLIPGFL
;
A
2 'polypeptide(L)'
;GDALRLARRIAAALNASDNNAGDYGFFWITAVTTDGSIVVANSYGLAYIPDGMELPNKVYLASADHAIPVDEIARCATYP
VLAVQAWAAFHDMTLRAVIGTAEQLASSDPGVAKIVLEPDDIPESGKMTGRSRLEVVDPSAAAQLADTTDQRLLDLLPPA
PVDVNPPGDERHMLWFELMKPMTSTATGREAAHLRAFRAYAAHSQEIALHQAHTATDAAVQRVAVADWLYWQYVTGLLDR
ALAAAC
;
B
#
# COMPACT_ATOMS: atom_id res chain seq x y z
N VAL A 9 19.00 -49.36 44.34
CA VAL A 9 19.99 -48.33 43.91
C VAL A 9 21.10 -49.00 43.07
N ASP A 10 21.31 -48.49 41.86
CA ASP A 10 22.31 -49.07 40.96
C ASP A 10 23.05 -47.97 40.19
N GLN A 11 24.35 -48.13 40.04
CA GLN A 11 25.22 -47.10 39.50
C GLN A 11 25.24 -47.11 37.97
N GLN A 12 25.21 -48.32 37.38
CA GLN A 12 25.31 -48.47 35.94
C GLN A 12 24.05 -47.93 35.24
N GLU A 13 22.91 -47.98 35.95
CA GLU A 13 21.68 -47.37 35.45
C GLU A 13 21.86 -45.86 35.25
N ILE A 14 22.37 -45.18 36.26
CA ILE A 14 22.63 -43.75 36.21
C ILE A 14 23.62 -43.42 35.09
N LEU A 15 24.67 -44.23 34.95
CA LEU A 15 25.68 -43.96 33.95
C LEU A 15 25.11 -44.14 32.55
N ASN A 16 24.09 -44.99 32.40
CA ASN A 16 23.47 -45.21 31.10
C ASN A 16 22.46 -44.11 30.82
N ARG A 17 21.70 -43.70 31.85
CA ARG A 17 20.68 -42.67 31.68
C ARG A 17 21.36 -41.34 31.34
N ALA A 18 22.59 -41.11 31.81
CA ALA A 18 23.28 -39.87 31.49
C ALA A 18 23.66 -39.81 30.01
N ASN A 19 24.15 -40.93 29.48
CA ASN A 19 24.46 -41.01 28.06
C ASN A 19 23.19 -40.86 27.23
N GLU A 20 22.08 -41.38 27.76
CA GLU A 20 20.82 -41.38 27.04
C GLU A 20 20.31 -39.95 26.95
N VAL A 21 20.48 -39.15 28.01
CA VAL A 21 19.91 -37.81 28.00
C VAL A 21 20.80 -36.86 27.22
N GLU A 22 22.09 -37.13 27.17
CA GLU A 22 23.05 -36.26 26.49
C GLU A 22 22.96 -36.41 24.96
N ALA A 23 22.30 -37.48 24.46
CA ALA A 23 22.36 -37.94 23.07
C ALA A 23 21.74 -36.88 22.14
N PRO A 24 22.08 -36.85 20.83
CA PRO A 24 21.49 -35.86 19.92
C PRO A 24 19.99 -36.01 19.78
N MET A 25 19.27 -34.88 19.71
CA MET A 25 17.84 -34.89 19.44
C MET A 25 17.68 -34.58 17.95
N ALA A 26 16.47 -34.28 17.47
CA ALA A 26 16.28 -34.05 16.05
C ALA A 26 17.03 -32.81 15.57
N ASP A 27 17.53 -32.88 14.33
CA ASP A 27 18.09 -31.72 13.66
C ASP A 27 16.96 -30.81 13.22
N PRO A 28 16.94 -29.54 13.67
CA PRO A 28 15.89 -28.62 13.21
C PRO A 28 16.14 -28.22 11.76
N PRO A 29 15.11 -27.80 11.00
CA PRO A 29 15.33 -27.34 9.63
C PRO A 29 16.17 -26.07 9.53
N THR A 30 16.90 -25.93 8.43
CA THR A 30 17.74 -24.75 8.21
C THR A 30 17.37 -24.00 6.92
N ASP A 31 16.49 -24.57 6.09
CA ASP A 31 16.16 -23.92 4.83
C ASP A 31 15.30 -22.71 5.11
N VAL A 32 15.56 -21.60 4.40
CA VAL A 32 14.84 -20.36 4.66
C VAL A 32 13.50 -20.37 3.93
N PRO A 33 12.43 -19.86 4.57
CA PRO A 33 11.18 -19.63 3.86
C PRO A 33 11.31 -18.42 2.93
N ILE A 34 11.12 -18.67 1.63
CA ILE A 34 11.15 -17.63 0.61
C ILE A 34 9.72 -17.12 0.41
N THR A 35 9.60 -15.82 0.20
CA THR A 35 8.31 -15.15 0.04
C THR A 35 7.58 -15.76 -1.14
N PRO A 36 6.23 -15.90 -1.09
CA PRO A 36 5.48 -16.46 -2.22
C PRO A 36 5.39 -15.55 -3.43
N CYS A 37 5.36 -14.23 -3.20
CA CYS A 37 5.36 -13.28 -4.30
C CYS A 37 6.16 -12.06 -3.93
N GLU A 38 5.97 -10.97 -4.67
CA GLU A 38 6.79 -9.78 -4.51
C GLU A 38 6.04 -8.68 -3.78
N LEU A 39 4.85 -8.96 -3.27
CA LEU A 39 4.14 -7.97 -2.47
C LEU A 39 4.84 -7.82 -1.12
N THR A 40 4.69 -6.64 -0.52
CA THR A 40 5.45 -6.29 0.67
C THR A 40 5.00 -7.14 1.83
N ALA A 41 3.69 -7.43 1.89
CA ALA A 41 3.18 -8.19 3.02
C ALA A 41 3.66 -9.64 2.99
N ALA A 42 3.85 -10.19 1.77
CA ALA A 42 4.34 -11.53 1.59
C ALA A 42 5.79 -11.60 2.07
N LYS A 43 6.59 -10.59 1.69
CA LYS A 43 7.99 -10.54 2.12
C LYS A 43 8.10 -10.35 3.64
N ASN A 44 7.19 -9.59 4.23
CA ASN A 44 7.20 -9.34 5.66
C ASN A 44 6.88 -10.61 6.44
N ALA A 45 5.95 -11.41 5.91
CA ALA A 45 5.62 -12.69 6.51
C ALA A 45 6.81 -13.65 6.43
N ALA A 46 7.45 -13.68 5.26
CA ALA A 46 8.57 -14.59 5.09
C ALA A 46 9.73 -14.22 5.99
N GLN A 47 9.96 -12.90 6.15
CA GLN A 47 11.08 -12.43 6.97
C GLN A 47 10.81 -12.67 8.46
N GLN A 48 9.53 -12.55 8.87
CA GLN A 48 9.18 -12.86 10.24
C GLN A 48 9.43 -14.33 10.53
N LEU A 49 9.16 -15.20 9.55
CA LEU A 49 9.40 -16.63 9.75
C LEU A 49 10.90 -16.91 9.79
N VAL A 50 11.67 -16.17 9.01
CA VAL A 50 13.12 -16.32 9.04
C VAL A 50 13.66 -16.03 10.45
N LEU A 51 13.20 -14.93 11.05
CA LEU A 51 13.64 -14.53 12.38
C LEU A 51 13.15 -15.49 13.45
N SER A 52 11.91 -15.97 13.32
CA SER A 52 11.35 -16.91 14.29
C SER A 52 12.14 -18.23 14.28
N ALA A 53 12.46 -18.74 13.08
CA ALA A 53 13.16 -20.01 12.97
C ALA A 53 14.60 -19.88 13.46
N ASP A 54 15.23 -18.72 13.18
CA ASP A 54 16.58 -18.47 13.69
C ASP A 54 16.63 -18.45 15.23
N ASN A 55 15.67 -17.77 15.86
CA ASN A 55 15.67 -17.65 17.30
C ASN A 55 15.37 -19.01 17.93
N MET A 56 14.45 -19.78 17.30
CA MET A 56 14.08 -21.09 17.82
C MET A 56 15.29 -22.01 17.75
N ARG A 57 16.05 -21.90 16.67
CA ARG A 57 17.21 -22.75 16.43
C ARG A 57 18.29 -22.48 17.48
N GLU A 58 18.46 -21.21 17.86
CA GLU A 58 19.39 -20.83 18.93
C GLU A 58 18.92 -21.36 20.29
N TYR A 59 17.63 -21.28 20.57
CA TYR A 59 17.13 -21.76 21.85
C TYR A 59 17.23 -23.28 21.97
N LEU A 60 17.11 -24.01 20.84
CA LEU A 60 17.24 -25.45 20.88
C LEU A 60 18.70 -25.84 21.15
N ALA A 61 19.66 -25.05 20.63
CA ALA A 61 21.06 -25.28 20.96
C ALA A 61 21.30 -25.05 22.45
N ALA A 62 20.61 -24.07 23.05
CA ALA A 62 20.75 -23.83 24.48
C ALA A 62 20.20 -25.01 25.28
N GLY A 63 19.08 -25.59 24.84
CA GLY A 63 18.58 -26.78 25.49
C GLY A 63 19.54 -27.98 25.40
N ALA A 64 20.32 -28.04 24.32
CA ALA A 64 21.28 -29.11 24.14
C ALA A 64 22.39 -28.95 25.18
N LYS A 65 22.82 -27.71 25.44
CA LYS A 65 23.84 -27.46 26.45
C LYS A 65 23.30 -27.79 27.85
N GLU A 66 22.01 -27.58 28.05
CA GLU A 66 21.42 -27.91 29.33
C GLU A 66 21.39 -29.42 29.56
N ARG A 67 21.13 -30.19 28.50
CA ARG A 67 21.10 -31.65 28.62
C ARG A 67 22.50 -32.19 28.86
N GLN A 68 23.51 -31.52 28.29
CA GLN A 68 24.90 -31.88 28.54
C GLN A 68 25.23 -31.69 30.02
N ARG A 69 24.77 -30.57 30.61
CA ARG A 69 25.03 -30.29 32.01
C ARG A 69 24.31 -31.28 32.90
N LEU A 70 23.11 -31.68 32.50
CA LEU A 70 22.33 -32.65 33.27
C LEU A 70 23.04 -34.01 33.25
N ALA A 71 23.72 -34.34 32.13
CA ALA A 71 24.41 -35.61 32.04
C ALA A 71 25.66 -35.61 32.94
N THR A 72 26.37 -34.47 32.96
CA THR A 72 27.51 -34.33 33.85
C THR A 72 27.08 -34.47 35.31
N SER A 73 25.96 -33.87 35.68
CA SER A 73 25.45 -33.97 37.03
C SER A 73 25.07 -35.41 37.37
N LEU A 74 24.57 -36.17 36.40
CA LEU A 74 24.18 -37.55 36.67
C LEU A 74 25.43 -38.40 36.87
N ARG A 75 26.50 -38.09 36.15
CA ARG A 75 27.74 -38.82 36.33
C ARG A 75 28.33 -38.57 37.73
N ASN A 76 28.25 -37.32 38.22
CA ASN A 76 28.76 -37.00 39.54
C ASN A 76 27.88 -37.61 40.63
N ALA A 77 26.58 -37.65 40.40
CA ALA A 77 25.69 -38.36 41.32
C ALA A 77 26.01 -39.85 41.37
N ALA A 78 26.45 -40.43 40.25
CA ALA A 78 26.80 -41.84 40.21
C ALA A 78 28.14 -42.07 40.92
N LYS A 79 29.06 -41.09 40.84
CA LYS A 79 30.32 -41.20 41.55
C LYS A 79 30.14 -41.11 43.07
N ALA A 80 29.02 -40.53 43.54
CA ALA A 80 28.71 -40.49 44.96
C ALA A 80 28.44 -41.89 45.51
N TYR A 81 27.93 -42.81 44.68
CA TYR A 81 27.60 -44.16 45.13
C TYR A 81 28.68 -45.16 44.69
N GLY A 82 29.96 -44.75 44.63
CA GLY A 82 31.03 -45.65 44.21
C GLY A 82 32.26 -44.96 43.63
N GLU A 83 32.56 -45.24 42.34
CA GLU A 83 33.76 -44.77 41.64
C GLU A 83 33.59 -45.12 40.16
N VAL A 84 33.99 -44.22 39.25
CA VAL A 84 33.80 -44.45 37.83
C VAL A 84 35.18 -44.66 37.15
N SER A 113 29.22 -14.92 22.93
CA SER A 113 29.08 -14.61 24.38
C SER A 113 27.86 -13.71 24.63
N ALA A 114 26.82 -13.83 23.78
CA ALA A 114 25.54 -13.16 23.97
C ALA A 114 24.50 -14.16 24.51
N GLU A 115 23.38 -13.63 25.02
CA GLU A 115 22.34 -14.42 25.67
C GLU A 115 21.06 -14.31 24.83
N LEU A 116 20.07 -15.12 25.18
CA LEU A 116 18.89 -15.31 24.37
C LEU A 116 17.93 -14.13 24.56
N THR A 117 17.65 -13.44 23.44
CA THR A 117 16.71 -12.34 23.45
C THR A 117 15.36 -12.81 22.92
N ASP A 118 14.44 -11.86 22.73
CA ASP A 118 13.19 -12.14 22.09
C ASP A 118 13.38 -12.10 20.58
N THR A 119 12.34 -12.52 19.86
CA THR A 119 12.42 -12.54 18.42
C THR A 119 11.99 -11.18 17.89
N PRO A 120 12.77 -10.51 17.01
CA PRO A 120 12.35 -9.24 16.43
C PRO A 120 11.04 -9.32 15.65
N ARG A 121 10.24 -8.26 15.75
CA ARG A 121 8.97 -8.18 15.05
C ARG A 121 9.11 -7.32 13.80
N VAL A 122 8.88 -7.90 12.61
CA VAL A 122 8.90 -7.15 11.36
C VAL A 122 7.74 -6.16 11.41
N ALA A 123 8.04 -4.88 11.18
CA ALA A 123 7.00 -3.86 11.16
C ALA A 123 6.16 -4.04 9.91
N THR A 124 4.83 -4.13 10.09
CA THR A 124 3.93 -4.39 8.97
C THR A 124 3.07 -3.16 8.70
N ALA A 125 2.63 -3.02 7.44
CA ALA A 125 1.84 -1.90 6.95
C ALA A 125 0.40 -2.05 7.36
N GLY A 126 -0.30 -0.92 7.44
CA GLY A 126 -1.71 -0.92 7.80
C GLY A 126 -2.60 -1.14 6.57
N GLU A 127 -3.60 -0.27 6.41
CA GLU A 127 -4.36 -0.28 5.18
C GLU A 127 -3.43 0.21 4.09
N PRO A 128 -3.39 -0.44 2.91
CA PRO A 128 -2.38 -0.12 1.91
C PRO A 128 -2.72 1.15 1.14
N ASN A 129 -1.69 1.77 0.58
CA ASN A 129 -1.87 2.94 -0.24
C ASN A 129 -2.32 2.50 -1.63
N PHE A 130 -2.74 3.45 -2.48
CA PHE A 130 -3.11 3.18 -3.84
C PHE A 130 -1.99 2.44 -4.59
N MET A 131 -2.37 1.44 -5.38
CA MET A 131 -1.41 0.76 -6.24
C MET A 131 -2.06 0.50 -7.59
N ASP A 132 -1.25 0.62 -8.66
CA ASP A 132 -1.70 0.36 -10.02
C ASP A 132 -2.10 -1.11 -10.13
N LEU A 133 -3.21 -1.34 -10.82
CA LEU A 133 -3.85 -2.65 -10.92
C LEU A 133 -2.94 -3.63 -11.66
N LYS A 134 -2.33 -3.16 -12.74
CA LYS A 134 -1.39 -3.97 -13.50
C LYS A 134 -0.17 -4.27 -12.62
N GLU A 135 0.25 -3.34 -11.77
CA GLU A 135 1.46 -3.55 -10.99
C GLU A 135 1.18 -4.57 -9.90
N ALA A 136 0.02 -4.46 -9.23
CA ALA A 136 -0.40 -5.38 -8.18
C ALA A 136 -0.55 -6.79 -8.73
N ALA A 137 -1.10 -6.90 -9.93
CA ALA A 137 -1.23 -8.19 -10.60
C ALA A 137 0.15 -8.76 -10.91
N ARG A 138 1.05 -7.93 -11.43
CA ARG A 138 2.37 -8.39 -11.85
C ARG A 138 3.19 -8.83 -10.62
N LYS A 139 2.95 -8.21 -9.47
CA LYS A 139 3.71 -8.62 -8.30
C LYS A 139 3.13 -9.89 -7.71
N LEU A 140 1.80 -10.05 -7.78
CA LEU A 140 1.15 -11.15 -7.08
C LEU A 140 1.51 -12.49 -7.69
N GLU A 141 1.80 -12.52 -8.99
CA GLU A 141 2.07 -13.78 -9.66
C GLU A 141 3.54 -13.91 -10.05
N THR A 142 4.41 -13.22 -9.32
CA THR A 142 5.85 -13.34 -9.53
C THR A 142 6.50 -13.93 -8.29
N GLY A 143 6.79 -15.23 -8.35
CA GLY A 143 7.39 -15.90 -7.21
C GLY A 143 7.10 -17.39 -7.29
N ASP A 144 7.44 -18.11 -6.23
CA ASP A 144 7.21 -19.55 -6.22
C ASP A 144 5.79 -19.90 -5.78
N GLN A 145 4.96 -18.91 -5.45
CA GLN A 145 3.55 -19.07 -5.12
C GLN A 145 3.31 -19.97 -3.92
N GLY A 146 4.29 -20.07 -3.01
CA GLY A 146 4.08 -20.75 -1.75
C GLY A 146 4.73 -22.12 -1.62
N ALA A 147 5.66 -22.47 -2.52
CA ALA A 147 6.31 -23.77 -2.43
C ALA A 147 7.29 -23.83 -1.25
N SER A 148 8.12 -22.79 -1.09
CA SER A 148 9.10 -22.70 -0.03
C SER A 148 8.40 -22.67 1.34
N LEU A 149 7.23 -22.01 1.41
CA LEU A 149 6.49 -21.95 2.65
C LEU A 149 5.99 -23.34 3.04
N ALA A 150 5.58 -24.13 2.03
CA ALA A 150 5.07 -25.47 2.28
C ALA A 150 6.19 -26.38 2.75
N HIS A 151 7.40 -26.21 2.17
CA HIS A 151 8.56 -27.00 2.57
C HIS A 151 8.99 -26.64 4.00
N PHE A 152 8.93 -25.36 4.37
CA PHE A 152 9.19 -24.86 5.71
C PHE A 152 8.22 -25.50 6.71
N ALA A 153 6.92 -25.54 6.34
CA ALA A 153 5.88 -26.05 7.24
C ALA A 153 6.04 -27.54 7.43
N ASP A 154 6.37 -28.26 6.35
CA ASP A 154 6.63 -29.68 6.41
C ASP A 154 7.80 -29.96 7.35
N GLY A 155 8.90 -29.24 7.17
CA GLY A 155 10.09 -29.51 7.97
C GLY A 155 9.84 -29.27 9.46
N TRP A 156 9.17 -28.16 9.80
CA TRP A 156 8.97 -27.82 11.19
C TRP A 156 7.94 -28.72 11.85
N ASN A 157 6.92 -29.15 11.08
CA ASN A 157 5.95 -30.08 11.64
C ASN A 157 6.58 -31.47 11.87
N THR A 158 7.48 -31.91 10.97
CA THR A 158 8.17 -33.18 11.21
C THR A 158 9.05 -33.05 12.46
N PHE A 159 9.67 -31.86 12.64
CA PHE A 159 10.58 -31.64 13.77
C PHE A 159 9.80 -31.73 15.09
N ASN A 160 8.64 -31.11 15.11
CA ASN A 160 7.62 -31.24 16.14
C ASN A 160 7.44 -32.70 16.52
N LEU A 161 7.17 -33.56 15.52
CA LEU A 161 6.79 -34.94 15.78
C LEU A 161 7.99 -35.71 16.30
N THR A 162 9.18 -35.38 15.81
CA THR A 162 10.38 -36.07 16.28
C THR A 162 10.72 -35.70 17.74
N LEU A 163 10.56 -34.43 18.14
CA LEU A 163 10.85 -34.10 19.53
C LEU A 163 9.81 -34.76 20.42
N GLN A 164 8.57 -34.89 19.93
CA GLN A 164 7.53 -35.50 20.74
C GLN A 164 7.86 -36.97 21.00
N GLY A 165 8.44 -37.63 19.98
CA GLY A 165 8.71 -39.04 20.10
C GLY A 165 9.96 -39.31 20.94
N ASP A 166 10.71 -38.26 21.24
CA ASP A 166 11.99 -38.47 21.88
C ASP A 166 11.92 -38.03 23.34
N VAL A 167 10.93 -38.50 24.11
CA VAL A 167 10.80 -38.02 25.48
C VAL A 167 10.96 -39.15 26.51
N LYS A 168 11.32 -40.36 26.03
CA LYS A 168 11.61 -41.42 26.99
C LYS A 168 12.98 -41.21 27.66
N ARG A 169 13.66 -40.09 27.41
CA ARG A 169 15.02 -39.87 27.88
C ARG A 169 14.90 -39.27 29.26
N PHE A 170 13.66 -38.88 29.60
CA PHE A 170 13.38 -38.01 30.73
C PHE A 170 12.45 -38.74 31.69
N ARG A 171 12.30 -40.05 31.53
CA ARG A 171 11.41 -40.80 32.40
C ARG A 171 12.08 -41.03 33.75
N GLY A 172 11.32 -41.64 34.66
CA GLY A 172 11.83 -41.91 35.99
C GLY A 172 12.88 -43.02 36.00
N PHE A 173 13.41 -43.26 37.21
CA PHE A 173 14.37 -44.35 37.40
C PHE A 173 13.67 -45.62 37.86
N ASP A 174 14.29 -46.76 37.52
CA ASP A 174 13.79 -48.07 37.92
C ASP A 174 14.31 -48.42 39.32
N ASN A 175 15.64 -48.43 39.48
CA ASN A 175 16.29 -48.89 40.69
C ASN A 175 16.75 -47.75 41.58
N TRP A 176 17.14 -46.62 40.99
CA TRP A 176 17.73 -45.54 41.78
C TRP A 176 16.68 -44.80 42.60
N GLU A 177 16.95 -44.66 43.91
CA GLU A 177 16.01 -44.18 44.89
C GLU A 177 16.70 -43.07 45.70
N GLY A 178 15.91 -42.33 46.49
CA GLY A 178 16.49 -41.42 47.47
C GLY A 178 16.28 -39.95 47.11
N ASP A 179 17.05 -39.09 47.77
CA ASP A 179 16.86 -37.65 47.66
C ASP A 179 17.40 -37.14 46.34
N ALA A 180 18.64 -37.54 46.03
CA ALA A 180 19.30 -37.11 44.81
C ALA A 180 18.56 -37.66 43.58
N ALA A 181 17.99 -38.86 43.71
CA ALA A 181 17.24 -39.46 42.61
C ALA A 181 15.98 -38.66 42.32
N THR A 182 15.29 -38.22 43.38
CA THR A 182 14.05 -37.46 43.23
C THR A 182 14.34 -36.09 42.61
N ALA A 183 15.47 -35.48 42.99
CA ALA A 183 15.88 -34.20 42.43
C ALA A 183 16.25 -34.34 40.96
N CYS A 184 16.90 -35.44 40.59
CA CYS A 184 17.25 -35.71 39.20
C CYS A 184 16.01 -36.04 38.36
N GLU A 185 15.03 -36.73 38.92
CA GLU A 185 13.79 -37.00 38.22
C GLU A 185 13.05 -35.69 37.97
N ALA A 186 13.09 -34.77 38.94
CA ALA A 186 12.44 -33.47 38.77
C ALA A 186 13.11 -32.66 37.66
N SER A 187 14.45 -32.68 37.59
CA SER A 187 15.17 -31.95 36.56
C SER A 187 14.88 -32.51 35.17
N LEU A 188 14.83 -33.83 35.05
CA LEU A 188 14.48 -34.49 33.80
C LEU A 188 13.04 -34.14 33.39
N ASP A 189 12.14 -34.01 34.36
CA ASP A 189 10.75 -33.68 34.06
C ASP A 189 10.64 -32.26 33.52
N GLN A 190 11.43 -31.34 34.06
CA GLN A 190 11.44 -29.97 33.58
C GLN A 190 11.94 -29.91 32.14
N GLN A 191 12.98 -30.69 31.83
CA GLN A 191 13.46 -30.72 30.45
C GLN A 191 12.43 -31.34 29.50
N ARG A 192 11.67 -32.34 29.96
CA ARG A 192 10.63 -32.95 29.15
C ARG A 192 9.56 -31.92 28.82
N GLN A 193 9.12 -31.15 29.83
CA GLN A 193 8.05 -30.17 29.64
C GLN A 193 8.51 -29.02 28.74
N TRP A 194 9.78 -28.65 28.83
CA TRP A 194 10.31 -27.62 27.94
C TRP A 194 10.39 -28.11 26.51
N ILE A 195 10.80 -29.38 26.30
CA ILE A 195 10.89 -29.95 24.97
C ILE A 195 9.50 -30.04 24.32
N LEU A 196 8.48 -30.44 25.10
CA LEU A 196 7.15 -30.52 24.54
C LEU A 196 6.60 -29.12 24.16
N HIS A 197 6.96 -28.11 24.95
CA HIS A 197 6.56 -26.75 24.64
C HIS A 197 7.23 -26.27 23.35
N MET A 198 8.52 -26.62 23.18
CA MET A 198 9.26 -26.29 21.98
C MET A 198 8.65 -26.97 20.74
N ALA A 199 8.13 -28.19 20.92
CA ALA A 199 7.48 -28.89 19.84
C ALA A 199 6.19 -28.15 19.45
N LYS A 200 5.45 -27.64 20.45
CA LYS A 200 4.22 -26.90 20.18
C LYS A 200 4.54 -25.63 19.38
N LEU A 201 5.64 -24.97 19.71
CA LEU A 201 5.99 -23.75 19.02
C LEU A 201 6.43 -24.05 17.59
N SER A 202 7.07 -25.20 17.37
CA SER A 202 7.48 -25.60 16.03
C SER A 202 6.25 -25.86 15.18
N ALA A 203 5.23 -26.50 15.79
CA ALA A 203 3.97 -26.71 15.12
C ALA A 203 3.30 -25.37 14.78
N ALA A 204 3.36 -24.40 15.70
CA ALA A 204 2.79 -23.07 15.47
C ALA A 204 3.46 -22.34 14.30
N MET A 205 4.80 -22.39 14.17
CA MET A 205 5.42 -21.77 13.02
C MET A 205 5.02 -22.48 11.74
N ALA A 206 4.86 -23.80 11.79
CA ALA A 206 4.49 -24.55 10.60
C ALA A 206 3.10 -24.12 10.15
N LYS A 207 2.21 -23.89 11.13
CA LYS A 207 0.84 -23.55 10.82
C LYS A 207 0.78 -22.11 10.32
N GLN A 208 1.70 -21.26 10.80
CA GLN A 208 1.81 -19.88 10.31
C GLN A 208 2.21 -19.85 8.83
N ALA A 209 3.21 -20.65 8.43
CA ALA A 209 3.64 -20.71 7.04
C ALA A 209 2.56 -21.30 6.16
N GLN A 210 1.83 -22.31 6.70
CA GLN A 210 0.73 -22.92 5.97
C GLN A 210 -0.35 -21.87 5.72
N TYR A 211 -0.62 -21.04 6.73
CA TYR A 211 -1.66 -20.03 6.61
C TYR A 211 -1.32 -19.00 5.54
N VAL A 212 -0.06 -18.58 5.46
CA VAL A 212 0.31 -17.58 4.48
C VAL A 212 0.24 -18.18 3.08
N ALA A 213 0.49 -19.50 2.95
CA ALA A 213 0.38 -20.16 1.65
C ALA A 213 -1.09 -20.24 1.19
N GLN A 214 -2.02 -20.50 2.11
CA GLN A 214 -3.44 -20.55 1.75
C GLN A 214 -3.94 -19.15 1.41
N LEU A 215 -3.47 -18.14 2.14
CA LEU A 215 -3.82 -16.76 1.90
C LEU A 215 -3.34 -16.32 0.52
N HIS A 216 -2.19 -16.83 0.07
CA HIS A 216 -1.67 -16.46 -1.24
C HIS A 216 -2.48 -17.13 -2.35
N VAL A 217 -2.95 -18.37 -2.15
CA VAL A 217 -3.75 -18.97 -3.22
C VAL A 217 -5.14 -18.32 -3.28
N TRP A 218 -5.68 -17.85 -2.15
CA TRP A 218 -6.91 -17.11 -2.17
C TRP A 218 -6.73 -15.78 -2.89
N ALA A 219 -5.60 -15.12 -2.67
CA ALA A 219 -5.29 -13.86 -3.34
C ALA A 219 -5.10 -14.08 -4.84
N ARG A 220 -4.49 -15.20 -5.26
CA ARG A 220 -4.33 -15.47 -6.68
C ARG A 220 -5.69 -15.76 -7.32
N ARG A 221 -6.60 -16.37 -6.55
CA ARG A 221 -7.92 -16.63 -7.12
C ARG A 221 -8.73 -15.35 -7.25
N GLU A 222 -8.69 -14.47 -6.27
CA GLU A 222 -9.61 -13.34 -6.23
C GLU A 222 -9.11 -12.11 -7.01
N HIS A 223 -7.80 -11.90 -7.11
CA HIS A 223 -7.26 -10.74 -7.81
C HIS A 223 -7.34 -10.97 -9.31
N PRO A 224 -7.69 -9.94 -10.12
CA PRO A 224 -7.61 -10.02 -11.58
C PRO A 224 -6.27 -10.41 -12.15
N THR A 225 -6.28 -11.46 -12.94
CA THR A 225 -5.09 -11.99 -13.59
C THR A 225 -4.58 -11.00 -14.62
N TYR A 226 -3.25 -10.95 -14.81
CA TYR A 226 -2.53 -9.92 -15.56
C TYR A 226 -2.96 -9.87 -17.02
N GLU A 227 -3.16 -11.05 -17.62
CA GLU A 227 -3.63 -11.20 -18.99
C GLU A 227 -4.95 -10.48 -19.22
N ASP A 228 -5.83 -10.52 -18.21
CA ASP A 228 -7.12 -9.86 -18.30
C ASP A 228 -6.99 -8.34 -18.22
N ILE A 229 -6.07 -7.82 -17.41
CA ILE A 229 -5.98 -6.36 -17.34
C ILE A 229 -5.31 -5.84 -18.61
N VAL A 230 -4.30 -6.56 -19.12
CA VAL A 230 -3.61 -6.09 -20.32
C VAL A 230 -4.57 -6.18 -21.52
N GLY A 231 -5.43 -7.20 -21.50
CA GLY A 231 -6.41 -7.36 -22.56
C GLY A 231 -7.48 -6.28 -22.48
N LEU A 232 -7.82 -5.86 -21.26
CA LEU A 232 -8.79 -4.80 -21.09
C LEU A 232 -8.24 -3.44 -21.51
N GLU A 233 -6.96 -3.20 -21.22
CA GLU A 233 -6.28 -1.99 -21.65
C GLU A 233 -6.20 -1.94 -23.17
N ARG A 234 -5.89 -3.08 -23.77
CA ARG A 234 -5.87 -3.18 -25.22
C ARG A 234 -7.27 -3.05 -25.84
N LEU A 235 -8.31 -3.47 -25.11
CA LEU A 235 -9.66 -3.40 -25.67
C LEU A 235 -10.18 -1.98 -25.58
N TYR A 236 -9.70 -1.20 -24.62
CA TYR A 236 -9.91 0.24 -24.66
C TYR A 236 -9.11 0.87 -25.81
N ALA A 237 -7.94 0.30 -26.13
CA ALA A 237 -7.07 0.87 -27.15
C ALA A 237 -7.63 0.62 -28.56
N GLU A 238 -8.29 -0.54 -28.74
CA GLU A 238 -8.92 -0.90 -30.00
C GLU A 238 -10.13 0.02 -30.25
N ASN A 239 -11.21 -0.16 -29.50
CA ASN A 239 -12.40 0.64 -29.75
C ASN A 239 -12.60 1.70 -28.68
N PRO A 240 -12.06 2.95 -28.81
CA PRO A 240 -12.35 3.97 -27.80
C PRO A 240 -13.84 4.30 -27.88
N SER A 241 -14.55 3.57 -28.74
CA SER A 241 -16.00 3.66 -28.87
C SER A 241 -16.68 3.01 -27.67
N ALA A 242 -15.96 2.08 -27.01
CA ALA A 242 -16.45 1.30 -25.87
C ALA A 242 -15.97 1.91 -24.55
N ARG A 243 -15.41 3.12 -24.67
CA ARG A 243 -14.74 3.76 -23.55
C ARG A 243 -15.74 4.11 -22.43
N ASP A 244 -17.05 4.10 -22.74
CA ASP A 244 -18.01 4.50 -21.71
C ASP A 244 -18.52 3.28 -20.95
N GLN A 245 -18.09 2.07 -21.36
CA GLN A 245 -18.46 0.87 -20.63
C GLN A 245 -17.27 0.02 -20.15
N ILE A 246 -16.03 0.37 -20.56
CA ILE A 246 -14.84 -0.30 -20.07
C ILE A 246 -14.47 0.22 -18.68
N LEU A 247 -14.83 1.47 -18.40
CA LEU A 247 -14.49 2.07 -17.13
C LEU A 247 -15.30 1.51 -15.96
N PRO A 248 -16.59 1.13 -16.03
CA PRO A 248 -17.18 0.40 -14.89
C PRO A 248 -16.61 -0.99 -14.62
N VAL A 249 -15.93 -1.60 -15.59
CA VAL A 249 -15.35 -2.91 -15.27
C VAL A 249 -14.03 -2.74 -14.52
N TYR A 250 -13.26 -1.72 -14.92
CA TYR A 250 -11.94 -1.44 -14.37
C TYR A 250 -12.08 -1.03 -12.91
N ALA A 251 -13.08 -0.19 -12.60
CA ALA A 251 -13.39 0.17 -11.22
C ALA A 251 -13.71 -1.08 -10.39
N GLU A 252 -14.52 -1.96 -11.00
CA GLU A 252 -14.82 -3.27 -10.43
C GLU A 252 -13.51 -4.02 -10.22
N TYR A 253 -12.69 -4.08 -11.29
CA TYR A 253 -11.40 -4.73 -11.23
C TYR A 253 -10.45 -4.06 -10.23
N GLN A 254 -10.62 -2.76 -9.98
CA GLN A 254 -9.80 -2.06 -9.00
C GLN A 254 -10.24 -2.50 -7.60
N GLN A 255 -11.56 -2.54 -7.38
CA GLN A 255 -12.10 -2.58 -6.04
C GLN A 255 -11.68 -3.87 -5.31
N ARG A 256 -11.90 -5.01 -5.99
CA ARG A 256 -11.47 -6.33 -5.63
C ARG A 256 -10.01 -6.34 -5.23
N SER A 257 -9.16 -5.78 -6.11
CA SER A 257 -7.72 -5.85 -5.99
C SER A 257 -7.29 -5.28 -4.65
N GLU A 258 -7.83 -4.16 -4.43
CA GLU A 258 -7.88 -3.52 -3.17
C GLU A 258 -8.53 -4.28 -2.07
N LYS A 259 -9.58 -5.04 -2.17
CA LYS A 259 -9.92 -5.90 -1.04
C LYS A 259 -8.81 -6.92 -0.76
N VAL A 260 -8.24 -7.43 -1.84
CA VAL A 260 -7.23 -8.47 -1.74
C VAL A 260 -6.04 -7.93 -0.96
N LEU A 261 -5.54 -6.76 -1.41
CA LEU A 261 -4.38 -6.13 -0.82
C LEU A 261 -4.65 -5.76 0.64
N THR A 262 -5.86 -5.31 0.98
CA THR A 262 -6.16 -4.99 2.37
C THR A 262 -6.07 -6.23 3.25
N GLU A 263 -6.63 -7.34 2.75
CA GLU A 263 -6.65 -8.57 3.53
C GLU A 263 -5.24 -9.15 3.59
N TYR A 264 -4.49 -9.01 2.50
CA TYR A 264 -3.17 -9.61 2.49
C TYR A 264 -2.24 -8.77 3.35
N ASN A 265 -2.56 -7.49 3.59
CA ASN A 265 -1.78 -6.68 4.53
C ASN A 265 -2.17 -7.05 5.95
N ASN A 266 -3.41 -7.49 6.16
CA ASN A 266 -3.88 -7.65 7.52
C ASN A 266 -3.59 -9.06 8.02
N LYS A 267 -3.69 -10.05 7.14
CA LYS A 267 -3.70 -11.44 7.57
C LYS A 267 -2.34 -12.08 7.38
N ALA A 268 -1.40 -11.41 6.69
CA ALA A 268 -0.05 -11.93 6.57
C ALA A 268 0.88 -11.27 7.60
N ALA A 269 0.26 -10.70 8.65
CA ALA A 269 1.05 -10.13 9.73
C ALA A 269 1.18 -11.17 10.83
N LEU A 270 2.35 -11.83 10.91
CA LEU A 270 2.51 -12.98 11.80
C LEU A 270 3.11 -12.54 13.13
N GLU A 271 2.57 -13.08 14.22
CA GLU A 271 3.15 -12.86 15.53
C GLU A 271 4.52 -13.54 15.61
N PRO A 272 5.58 -12.87 16.12
CA PRO A 272 6.87 -13.50 16.29
C PRO A 272 6.82 -14.58 17.38
N VAL A 273 7.63 -15.63 17.21
CA VAL A 273 7.63 -16.76 18.12
C VAL A 273 8.70 -16.53 19.16
N ASN A 274 8.26 -16.36 20.41
CA ASN A 274 9.18 -16.09 21.52
C ASN A 274 9.31 -17.33 22.39
N PRO A 275 10.36 -18.16 22.24
CA PRO A 275 10.46 -19.41 23.01
C PRO A 275 10.89 -19.10 24.44
N PRO A 276 10.52 -19.92 25.45
CA PRO A 276 11.06 -19.76 26.80
C PRO A 276 12.49 -20.29 26.90
N LYS A 277 13.29 -19.67 27.76
CA LYS A 277 14.63 -20.16 28.06
C LYS A 277 14.52 -21.57 28.64
N PRO A 278 15.43 -22.48 28.28
CA PRO A 278 15.41 -23.84 28.81
C PRO A 278 15.73 -23.83 30.29
N PRO A 279 15.06 -24.65 31.12
CA PRO A 279 15.25 -24.59 32.56
C PRO A 279 16.65 -25.03 32.88
N PRO A 280 17.33 -24.48 33.93
CA PRO A 280 18.69 -24.89 34.24
C PRO A 280 18.69 -26.33 34.77
N ALA A 281 19.64 -27.12 34.27
CA ALA A 281 19.79 -28.48 34.76
C ALA A 281 20.29 -28.43 36.20
N ILE A 282 19.91 -29.44 37.01
CA ILE A 282 20.48 -29.58 38.35
C ILE A 282 22.00 -29.63 38.27
N LYS A 283 22.67 -28.86 39.14
CA LYS A 283 24.13 -28.88 39.19
C LYS A 283 24.54 -29.76 40.36
N ILE A 284 25.19 -30.88 40.04
CA ILE A 284 25.80 -31.72 41.04
C ILE A 284 27.30 -31.74 40.79
N ASP A 285 28.05 -31.18 41.74
CA ASP A 285 29.50 -31.06 41.62
C ASP A 285 30.15 -32.43 41.83
N PRO A 286 31.39 -32.65 41.35
CA PRO A 286 32.14 -33.88 41.63
C PRO A 286 32.36 -34.09 43.12
N PRO A 287 32.09 -35.29 43.66
CA PRO A 287 32.20 -35.55 45.09
C PRO A 287 33.67 -35.58 45.48
N PRO A 288 34.01 -35.44 46.77
CA PRO A 288 35.38 -35.73 47.24
C PRO A 288 35.64 -37.23 47.14
N PRO A 289 36.93 -37.66 47.07
CA PRO A 289 37.27 -39.08 46.97
C PRO A 289 36.66 -39.92 48.08
N PRO A 290 36.27 -41.18 47.81
CA PRO A 290 35.56 -41.97 48.82
C PRO A 290 36.55 -42.54 49.83
N GLN A 291 36.19 -42.46 51.11
CA GLN A 291 37.00 -43.05 52.17
C GLN A 291 36.90 -44.57 52.11
N GLU A 292 38.06 -45.24 51.92
CA GLU A 292 38.13 -46.68 51.96
C GLU A 292 38.01 -47.13 53.41
N GLN A 293 37.02 -47.99 53.71
CA GLN A 293 36.88 -48.42 55.08
C GLN A 293 37.43 -49.83 55.27
N GLY A 294 37.17 -50.39 56.45
CA GLY A 294 37.81 -51.61 56.94
C GLY A 294 39.31 -51.41 57.09
N LEU A 295 39.76 -50.18 56.79
CA LEU A 295 41.16 -49.81 56.86
C LEU A 295 41.54 -49.51 58.31
N ILE A 296 42.82 -49.73 58.60
CA ILE A 296 43.37 -49.82 59.95
C ILE A 296 42.71 -51.03 60.62
N PRO A 297 43.19 -52.29 60.38
CA PRO A 297 42.71 -53.46 61.11
C PRO A 297 42.99 -53.35 62.62
N GLY B 1 -25.13 40.08 -3.24
CA GLY B 1 -26.50 39.89 -2.67
C GLY B 1 -27.40 39.08 -3.60
N ASP B 2 -27.46 39.50 -4.88
CA ASP B 2 -28.31 38.86 -5.85
C ASP B 2 -27.54 37.75 -6.57
N ALA B 3 -28.13 37.26 -7.67
CA ALA B 3 -27.54 36.32 -8.62
C ALA B 3 -27.19 34.96 -7.99
N LEU B 4 -28.00 34.50 -7.01
CA LEU B 4 -28.04 33.09 -6.65
C LEU B 4 -28.61 32.29 -7.82
N ARG B 5 -29.58 32.90 -8.52
CA ARG B 5 -30.23 32.30 -9.68
C ARG B 5 -29.24 32.15 -10.83
N LEU B 6 -28.32 33.12 -10.98
CA LEU B 6 -27.27 33.04 -11.99
C LEU B 6 -26.27 31.94 -11.61
N ALA B 7 -26.05 31.75 -10.31
CA ALA B 7 -25.18 30.68 -9.83
C ALA B 7 -25.77 29.31 -10.13
N ARG B 8 -27.08 29.15 -9.93
CA ARG B 8 -27.74 27.90 -10.26
C ARG B 8 -27.89 27.70 -11.77
N ARG B 9 -27.93 28.81 -12.53
CA ARG B 9 -27.98 28.73 -13.99
C ARG B 9 -26.67 28.16 -14.53
N ILE B 10 -25.55 28.72 -14.08
CA ILE B 10 -24.26 28.23 -14.52
C ILE B 10 -23.97 26.85 -13.90
N ALA B 11 -24.53 26.59 -12.70
CA ALA B 11 -24.43 25.28 -12.05
C ALA B 11 -25.21 24.20 -12.80
N ALA B 12 -26.27 24.60 -13.52
CA ALA B 12 -26.96 23.65 -14.39
C ALA B 12 -26.23 23.53 -15.73
N ALA B 13 -25.51 24.58 -16.14
CA ALA B 13 -24.85 24.61 -17.43
C ALA B 13 -23.59 23.74 -17.45
N LEU B 14 -22.86 23.67 -16.32
CA LEU B 14 -21.70 22.77 -16.22
C LEU B 14 -22.16 21.31 -16.21
N ASN B 15 -23.41 21.09 -15.79
CA ASN B 15 -23.97 19.78 -15.52
C ASN B 15 -24.80 19.30 -16.72
N ALA B 16 -24.32 19.62 -17.92
CA ALA B 16 -24.96 19.25 -19.17
C ALA B 16 -24.16 18.13 -19.82
N SER B 17 -24.76 17.52 -20.85
CA SER B 17 -24.19 16.37 -21.55
C SER B 17 -23.22 16.79 -22.66
N ASP B 18 -22.88 18.08 -22.71
CA ASP B 18 -21.96 18.59 -23.73
C ASP B 18 -20.54 18.10 -23.46
N ASN B 19 -20.16 18.07 -22.18
CA ASN B 19 -18.78 17.77 -21.83
C ASN B 19 -18.64 16.76 -20.68
N ASN B 20 -19.77 16.36 -20.07
CA ASN B 20 -19.76 15.34 -19.04
C ASN B 20 -19.99 13.97 -19.67
N ALA B 21 -19.07 13.59 -20.58
CA ALA B 21 -19.28 12.48 -21.48
C ALA B 21 -18.63 11.23 -20.94
N GLY B 22 -19.22 10.68 -19.86
CA GLY B 22 -18.85 9.39 -19.29
C GLY B 22 -17.45 9.39 -18.67
N ASP B 23 -17.05 10.56 -18.16
CA ASP B 23 -15.77 10.69 -17.48
C ASP B 23 -15.94 10.26 -16.02
N TYR B 24 -15.29 9.15 -15.67
CA TYR B 24 -15.46 8.51 -14.37
C TYR B 24 -14.90 9.43 -13.29
N GLY B 25 -15.74 9.88 -12.36
CA GLY B 25 -15.25 10.70 -11.26
C GLY B 25 -15.32 12.19 -11.54
N PHE B 26 -15.59 12.58 -12.80
CA PHE B 26 -15.79 14.00 -13.11
C PHE B 26 -17.11 14.47 -12.52
N PHE B 27 -17.07 15.55 -11.74
CA PHE B 27 -18.24 16.36 -11.47
C PHE B 27 -17.79 17.77 -11.18
N TRP B 28 -18.73 18.72 -11.29
CA TRP B 28 -18.49 20.11 -10.93
C TRP B 28 -19.14 20.42 -9.60
N ILE B 29 -18.65 21.47 -8.94
CA ILE B 29 -19.28 22.02 -7.74
C ILE B 29 -19.25 23.53 -7.90
N THR B 30 -20.42 24.16 -7.79
CA THR B 30 -20.58 25.60 -7.86
C THR B 30 -20.93 26.12 -6.47
N ALA B 31 -20.45 27.33 -6.13
CA ALA B 31 -20.65 27.92 -4.82
C ALA B 31 -20.68 29.44 -4.94
N VAL B 32 -21.43 30.09 -4.04
CA VAL B 32 -21.43 31.54 -3.99
C VAL B 32 -21.31 31.98 -2.53
N THR B 33 -20.75 33.19 -2.33
CA THR B 33 -20.44 33.70 -1.00
C THR B 33 -21.52 34.69 -0.56
N THR B 34 -21.28 35.35 0.57
CA THR B 34 -22.17 36.41 1.02
C THR B 34 -21.93 37.71 0.24
N ASP B 35 -20.75 37.84 -0.38
CA ASP B 35 -20.44 38.99 -1.22
C ASP B 35 -21.19 38.91 -2.56
N GLY B 36 -21.39 37.68 -3.04
CA GLY B 36 -21.97 37.45 -4.35
C GLY B 36 -20.97 36.87 -5.35
N SER B 37 -19.78 36.49 -4.87
CA SER B 37 -18.73 36.00 -5.73
C SER B 37 -18.95 34.51 -6.06
N ILE B 38 -18.92 34.17 -7.35
CA ILE B 38 -19.17 32.82 -7.82
C ILE B 38 -17.83 32.07 -7.96
N VAL B 39 -17.75 30.87 -7.36
CA VAL B 39 -16.57 30.03 -7.44
C VAL B 39 -16.95 28.59 -7.85
N VAL B 40 -16.24 28.04 -8.84
CA VAL B 40 -16.45 26.67 -9.29
C VAL B 40 -15.19 25.83 -9.06
N ALA B 41 -15.35 24.51 -9.04
CA ALA B 41 -14.25 23.55 -8.97
C ALA B 41 -14.69 22.21 -9.53
N ASN B 42 -13.83 21.58 -10.33
CA ASN B 42 -14.08 20.22 -10.79
C ASN B 42 -13.21 19.23 -10.01
N SER B 43 -13.25 17.97 -10.43
CA SER B 43 -12.60 16.89 -9.69
C SER B 43 -11.52 16.24 -10.54
N TYR B 44 -11.15 16.84 -11.67
CA TYR B 44 -10.02 16.36 -12.43
C TYR B 44 -8.86 17.36 -12.36
N GLY B 45 -7.92 17.10 -11.45
CA GLY B 45 -6.66 17.81 -11.45
C GLY B 45 -6.79 19.25 -10.97
N LEU B 46 -5.90 20.10 -11.49
CA LEU B 46 -5.80 21.48 -11.04
C LEU B 46 -5.91 22.40 -12.24
N ALA B 47 -6.75 23.45 -12.09
CA ALA B 47 -6.97 24.51 -13.08
C ALA B 47 -7.43 23.94 -14.42
N TYR B 48 -8.21 22.85 -14.37
CA TYR B 48 -8.68 22.23 -15.59
C TYR B 48 -10.04 22.79 -15.97
N ILE B 49 -10.14 23.40 -17.15
CA ILE B 49 -11.42 23.67 -17.77
C ILE B 49 -11.39 22.91 -19.07
N PRO B 50 -12.46 22.20 -19.49
CA PRO B 50 -12.39 21.39 -20.72
C PRO B 50 -12.18 22.19 -22.00
N ASP B 51 -11.85 21.49 -23.10
CA ASP B 51 -11.45 22.11 -24.35
C ASP B 51 -12.62 22.88 -24.98
N GLY B 52 -12.34 24.13 -25.37
CA GLY B 52 -13.31 25.00 -26.02
C GLY B 52 -14.49 25.33 -25.12
N MET B 53 -14.23 25.59 -23.83
CA MET B 53 -15.28 25.90 -22.88
C MET B 53 -15.03 27.26 -22.25
N GLU B 54 -16.10 28.03 -22.06
CA GLU B 54 -16.02 29.40 -21.58
C GLU B 54 -16.77 29.56 -20.25
N LEU B 55 -16.30 30.51 -19.43
CA LEU B 55 -16.89 30.80 -18.14
C LEU B 55 -17.31 32.27 -18.10
N PRO B 56 -18.44 32.61 -17.43
CA PRO B 56 -18.85 34.01 -17.28
C PRO B 56 -17.90 34.89 -16.47
N ASN B 57 -18.18 36.19 -16.50
CA ASN B 57 -17.24 37.23 -16.14
C ASN B 57 -16.98 37.31 -14.64
N LYS B 58 -17.89 36.78 -13.83
CA LYS B 58 -17.76 36.88 -12.38
C LYS B 58 -17.08 35.65 -11.79
N VAL B 59 -16.96 34.58 -12.59
CA VAL B 59 -16.63 33.26 -12.09
C VAL B 59 -15.12 33.15 -11.85
N TYR B 60 -14.76 32.75 -10.62
CA TYR B 60 -13.39 32.40 -10.28
C TYR B 60 -13.28 30.87 -10.17
N LEU B 61 -12.19 30.30 -10.67
CA LEU B 61 -11.91 28.88 -10.51
C LEU B 61 -11.13 28.67 -9.21
N ALA B 62 -11.57 27.69 -8.42
CA ALA B 62 -11.05 27.50 -7.06
C ALA B 62 -9.60 27.01 -7.08
N SER B 63 -9.28 26.11 -8.02
CA SER B 63 -7.97 25.50 -8.10
C SER B 63 -7.01 26.32 -8.96
N ALA B 64 -7.30 27.62 -9.14
CA ALA B 64 -6.55 28.43 -10.10
C ALA B 64 -6.17 29.79 -9.52
N ASP B 65 -6.30 29.96 -8.20
CA ASP B 65 -6.07 31.21 -7.50
C ASP B 65 -4.60 31.35 -7.11
N HIS B 66 -4.12 32.60 -6.96
CA HIS B 66 -2.73 32.83 -6.59
C HIS B 66 -2.58 33.27 -5.13
N ALA B 67 -3.68 33.67 -4.49
CA ALA B 67 -3.66 34.11 -3.09
C ALA B 67 -3.70 32.93 -2.12
N ILE B 68 -3.69 31.72 -2.67
CA ILE B 68 -3.91 30.49 -1.92
C ILE B 68 -2.61 29.72 -1.99
N PRO B 69 -2.10 29.13 -0.88
CA PRO B 69 -0.89 28.29 -0.96
C PRO B 69 -1.10 27.08 -1.87
N VAL B 70 -0.06 26.72 -2.61
CA VAL B 70 -0.09 25.61 -3.55
C VAL B 70 -0.28 24.29 -2.81
N ASP B 71 0.18 24.21 -1.56
CA ASP B 71 0.06 22.98 -0.78
C ASP B 71 -1.40 22.74 -0.37
N GLU B 72 -2.16 23.80 -0.08
CA GLU B 72 -3.56 23.61 0.22
C GLU B 72 -4.41 23.57 -1.05
N ILE B 73 -3.81 23.86 -2.21
CA ILE B 73 -4.45 23.57 -3.48
C ILE B 73 -4.37 22.07 -3.74
N ALA B 74 -3.17 21.51 -3.57
CA ALA B 74 -2.94 20.11 -3.86
C ALA B 74 -3.66 19.23 -2.85
N ARG B 75 -3.89 19.75 -1.64
CA ARG B 75 -4.59 19.00 -0.62
C ARG B 75 -6.05 18.79 -1.05
N CYS B 76 -6.61 19.78 -1.76
CA CYS B 76 -8.00 19.74 -2.16
C CYS B 76 -8.19 19.17 -3.58
N ALA B 77 -7.14 18.56 -4.16
CA ALA B 77 -7.20 18.02 -5.51
C ALA B 77 -8.17 16.84 -5.58
N THR B 78 -8.98 16.85 -6.64
CA THR B 78 -10.04 15.89 -6.98
C THR B 78 -11.22 15.91 -6.00
N TYR B 79 -11.20 16.79 -5.00
CA TYR B 79 -12.27 16.88 -4.01
C TYR B 79 -12.83 18.31 -4.08
N PRO B 80 -13.80 18.62 -4.98
CA PRO B 80 -14.10 20.01 -5.34
C PRO B 80 -14.87 20.78 -4.29
N VAL B 81 -15.58 20.06 -3.44
CA VAL B 81 -16.28 20.66 -2.30
C VAL B 81 -15.29 21.34 -1.36
N LEU B 82 -14.26 20.58 -0.94
CA LEU B 82 -13.18 21.04 -0.09
C LEU B 82 -12.41 22.20 -0.76
N ALA B 83 -12.35 22.19 -2.10
CA ALA B 83 -11.65 23.22 -2.86
C ALA B 83 -12.34 24.59 -2.74
N VAL B 84 -13.67 24.62 -2.91
CA VAL B 84 -14.39 25.89 -2.84
C VAL B 84 -14.46 26.38 -1.39
N GLN B 85 -14.53 25.45 -0.44
CA GLN B 85 -14.36 25.75 0.97
C GLN B 85 -13.01 26.41 1.29
N ALA B 86 -11.90 25.88 0.76
CA ALA B 86 -10.59 26.44 1.07
C ALA B 86 -10.39 27.79 0.39
N TRP B 87 -11.02 27.97 -0.79
CA TRP B 87 -11.05 29.24 -1.51
C TRP B 87 -11.74 30.33 -0.69
N ALA B 88 -12.88 29.99 -0.10
CA ALA B 88 -13.56 30.90 0.80
C ALA B 88 -12.75 31.16 2.07
N ALA B 89 -12.00 30.14 2.55
CA ALA B 89 -11.26 30.22 3.80
C ALA B 89 -10.16 31.27 3.72
N PHE B 90 -9.25 31.17 2.74
CA PHE B 90 -8.17 32.14 2.64
C PHE B 90 -8.63 33.43 1.97
N HIS B 91 -9.69 33.36 1.18
CA HIS B 91 -10.18 34.58 0.56
C HIS B 91 -11.18 35.31 1.45
N ASP B 92 -11.24 34.93 2.75
CA ASP B 92 -11.81 35.68 3.87
C ASP B 92 -13.34 35.67 3.88
N MET B 93 -13.97 35.03 2.89
CA MET B 93 -15.41 35.11 2.67
C MET B 93 -16.11 33.91 3.31
N THR B 94 -17.40 34.10 3.60
CA THR B 94 -18.25 33.03 4.08
C THR B 94 -19.15 32.57 2.94
N LEU B 95 -19.17 31.25 2.71
CA LEU B 95 -19.95 30.68 1.63
C LEU B 95 -21.43 30.77 1.94
N ARG B 96 -22.18 31.36 1.01
CA ARG B 96 -23.64 31.35 1.09
C ARG B 96 -24.16 29.96 0.72
N ALA B 97 -23.71 29.42 -0.41
CA ALA B 97 -24.32 28.20 -0.90
C ALA B 97 -23.38 27.35 -1.74
N VAL B 98 -23.70 26.05 -1.78
CA VAL B 98 -23.11 25.05 -2.68
C VAL B 98 -24.24 24.33 -3.42
N ILE B 99 -24.07 24.20 -4.75
CA ILE B 99 -25.04 23.60 -5.66
C ILE B 99 -24.46 22.29 -6.21
N GLY B 100 -25.32 21.34 -6.53
CA GLY B 100 -24.93 20.11 -7.20
C GLY B 100 -25.98 19.03 -7.01
N THR B 101 -25.58 17.76 -7.18
CA THR B 101 -26.45 16.62 -6.96
C THR B 101 -25.97 15.87 -5.72
N ALA B 102 -26.91 15.52 -4.82
CA ALA B 102 -26.66 15.26 -3.39
C ALA B 102 -25.68 14.12 -3.12
N GLU B 103 -25.47 13.23 -4.11
CA GLU B 103 -24.40 12.25 -4.05
C GLU B 103 -23.04 12.94 -3.94
N GLN B 104 -22.86 14.04 -4.69
CA GLN B 104 -21.64 14.82 -4.62
C GLN B 104 -21.59 15.61 -3.30
N LEU B 105 -22.75 15.91 -2.70
CA LEU B 105 -22.88 16.84 -1.58
C LEU B 105 -22.87 16.12 -0.22
N ALA B 106 -22.78 14.78 -0.21
CA ALA B 106 -22.90 14.02 1.03
C ALA B 106 -21.72 14.23 1.98
N SER B 107 -20.66 14.93 1.55
CA SER B 107 -19.41 14.96 2.31
C SER B 107 -19.44 16.00 3.44
N SER B 108 -20.06 17.16 3.20
CA SER B 108 -19.86 18.28 4.10
C SER B 108 -21.12 19.13 4.23
N ASP B 109 -21.40 19.63 5.45
CA ASP B 109 -22.53 20.51 5.69
C ASP B 109 -22.24 21.54 6.79
N PRO B 110 -21.22 22.43 6.72
CA PRO B 110 -21.05 23.44 7.76
C PRO B 110 -21.80 24.77 7.51
N GLY B 111 -23.12 24.77 7.73
CA GLY B 111 -23.94 25.95 7.58
C GLY B 111 -24.21 26.32 6.11
N VAL B 112 -24.32 25.30 5.25
CA VAL B 112 -24.46 25.44 3.81
C VAL B 112 -25.82 24.89 3.38
N ALA B 113 -26.45 25.54 2.39
CA ALA B 113 -27.84 25.32 2.05
C ALA B 113 -28.06 23.94 1.41
N LYS B 114 -27.03 23.40 0.76
CA LYS B 114 -27.06 22.08 0.15
C LYS B 114 -28.12 21.98 -0.95
N ILE B 115 -27.94 22.76 -2.01
CA ILE B 115 -28.90 22.80 -3.11
C ILE B 115 -28.73 21.57 -4.00
N VAL B 116 -29.84 20.82 -4.18
CA VAL B 116 -29.85 19.57 -4.92
C VAL B 116 -30.40 19.81 -6.34
N LEU B 117 -29.84 19.13 -7.34
CA LEU B 117 -30.27 19.27 -8.74
C LEU B 117 -30.90 17.98 -9.24
N GLU B 118 -31.97 18.13 -10.05
CA GLU B 118 -32.76 17.03 -10.57
C GLU B 118 -32.62 17.00 -12.10
N PRO B 119 -32.92 15.87 -12.79
CA PRO B 119 -32.99 15.83 -14.26
C PRO B 119 -33.84 16.85 -15.03
N ASP B 120 -34.82 17.50 -14.39
CA ASP B 120 -35.50 18.63 -15.05
C ASP B 120 -34.85 19.96 -14.68
N ASP B 121 -34.19 20.03 -13.52
CA ASP B 121 -33.57 21.25 -13.01
C ASP B 121 -32.36 21.63 -13.87
N ILE B 122 -31.62 20.63 -14.36
CA ILE B 122 -30.54 20.88 -15.30
C ILE B 122 -31.10 20.78 -16.71
N PRO B 123 -31.07 21.87 -17.53
CA PRO B 123 -31.19 21.72 -18.99
C PRO B 123 -29.93 21.07 -19.55
N GLU B 124 -30.11 20.37 -20.68
CA GLU B 124 -29.04 19.61 -21.29
C GLU B 124 -28.39 20.39 -22.43
N SER B 125 -28.42 21.73 -22.33
CA SER B 125 -27.67 22.62 -23.22
C SER B 125 -26.81 23.55 -22.37
N GLY B 126 -25.50 23.61 -22.69
CA GLY B 126 -24.54 24.41 -21.96
C GLY B 126 -24.75 25.91 -22.16
N LYS B 127 -24.59 26.36 -23.41
CA LYS B 127 -25.06 27.63 -23.93
C LYS B 127 -24.46 28.86 -23.23
N MET B 128 -23.33 28.73 -22.51
CA MET B 128 -22.75 29.93 -21.89
C MET B 128 -21.39 30.30 -22.44
N THR B 129 -21.20 31.63 -22.48
CA THR B 129 -20.13 32.31 -23.18
C THR B 129 -19.50 33.28 -22.17
N GLY B 130 -18.19 33.52 -22.34
CA GLY B 130 -17.50 34.48 -21.51
C GLY B 130 -16.01 34.59 -21.80
N ARG B 131 -15.19 33.96 -20.94
CA ARG B 131 -13.73 34.03 -21.07
C ARG B 131 -13.23 32.69 -21.59
N SER B 132 -12.31 32.74 -22.57
CA SER B 132 -11.52 31.59 -22.99
C SER B 132 -10.64 31.14 -21.81
N ARG B 133 -10.20 29.87 -21.82
CA ARG B 133 -9.52 29.25 -20.69
C ARG B 133 -8.21 29.96 -20.31
N LEU B 134 -7.53 30.55 -21.30
CA LEU B 134 -6.33 31.31 -20.99
C LEU B 134 -6.70 32.53 -20.16
N GLU B 135 -7.87 33.12 -20.39
CA GLU B 135 -8.27 34.33 -19.68
C GLU B 135 -8.81 34.04 -18.29
N VAL B 136 -8.98 32.76 -17.94
CA VAL B 136 -9.57 32.43 -16.64
C VAL B 136 -8.47 32.13 -15.62
N VAL B 137 -7.42 31.43 -16.05
CA VAL B 137 -6.40 30.93 -15.15
C VAL B 137 -5.12 31.76 -15.25
N ASP B 138 -4.96 32.51 -16.34
CA ASP B 138 -3.76 33.32 -16.53
C ASP B 138 -4.10 34.59 -17.30
N PRO B 139 -4.75 35.61 -16.66
CA PRO B 139 -5.17 36.80 -17.39
C PRO B 139 -4.00 37.72 -17.72
N SER B 140 -2.87 37.53 -17.02
CA SER B 140 -1.61 38.14 -17.39
C SER B 140 -1.18 37.66 -18.78
N ALA B 141 -1.27 36.36 -19.04
CA ALA B 141 -0.91 35.79 -20.34
C ALA B 141 -1.94 36.13 -21.41
N ALA B 142 -3.20 36.35 -21.01
CA ALA B 142 -4.27 36.67 -21.96
C ALA B 142 -4.15 38.11 -22.46
N ALA B 143 -3.52 38.99 -21.69
CA ALA B 143 -3.33 40.38 -22.09
C ALA B 143 -2.17 40.54 -23.07
N GLN B 144 -1.09 39.77 -22.91
CA GLN B 144 0.02 39.76 -23.86
C GLN B 144 -0.23 38.78 -25.02
N LEU B 145 -1.30 37.97 -24.95
CA LEU B 145 -1.82 37.37 -26.17
C LEU B 145 -2.47 38.45 -27.05
N ALA B 146 -3.19 39.38 -26.42
CA ALA B 146 -4.00 40.37 -27.14
C ALA B 146 -3.17 41.52 -27.72
N ASP B 147 -1.92 41.72 -27.25
CA ASP B 147 -1.03 42.72 -27.81
C ASP B 147 -0.05 42.11 -28.80
N THR B 148 -0.32 40.87 -29.22
CA THR B 148 0.48 40.23 -30.24
C THR B 148 -0.27 40.31 -31.57
N THR B 149 0.37 40.93 -32.56
CA THR B 149 -0.15 40.96 -33.91
C THR B 149 -0.05 39.58 -34.54
N ASP B 150 -0.87 39.33 -35.56
CA ASP B 150 -1.09 38.00 -36.10
C ASP B 150 0.15 37.45 -36.82
N GLN B 151 1.11 38.31 -37.13
CA GLN B 151 2.33 37.88 -37.77
C GLN B 151 3.35 37.39 -36.73
N ARG B 152 3.48 38.13 -35.63
CA ARG B 152 4.55 37.92 -34.66
C ARG B 152 4.19 36.92 -33.57
N LEU B 153 3.23 36.01 -33.83
CA LEU B 153 2.68 35.10 -32.82
C LEU B 153 3.71 34.10 -32.31
N LEU B 154 4.80 33.89 -33.05
CA LEU B 154 5.85 32.94 -32.69
C LEU B 154 6.81 33.53 -31.67
N ASP B 155 6.68 34.82 -31.33
CA ASP B 155 7.57 35.40 -30.34
C ASP B 155 7.18 34.98 -28.92
N LEU B 156 5.92 34.58 -28.71
CA LEU B 156 5.48 34.08 -27.42
C LEU B 156 5.96 32.65 -27.20
N LEU B 157 6.03 31.85 -28.27
CA LEU B 157 6.43 30.45 -28.17
C LEU B 157 7.94 30.24 -28.35
N PRO B 158 8.48 29.21 -27.68
CA PRO B 158 9.76 28.60 -28.04
C PRO B 158 9.88 28.21 -29.52
N PRO B 159 11.13 27.99 -30.00
CA PRO B 159 11.41 27.70 -31.40
C PRO B 159 10.71 26.47 -31.98
N ALA B 160 10.72 26.34 -33.32
CA ALA B 160 10.14 25.22 -34.03
C ALA B 160 10.90 23.93 -33.70
N PRO B 161 10.21 22.78 -33.55
CA PRO B 161 10.87 21.59 -33.01
C PRO B 161 11.85 20.98 -34.00
N VAL B 162 12.80 20.21 -33.49
CA VAL B 162 13.84 19.59 -34.31
C VAL B 162 13.26 18.45 -35.15
N ASP B 163 12.12 17.91 -34.73
CA ASP B 163 11.34 16.96 -35.52
C ASP B 163 10.31 17.74 -36.33
N VAL B 164 10.28 17.54 -37.65
CA VAL B 164 9.30 18.24 -38.49
C VAL B 164 7.95 17.52 -38.48
N ASN B 165 7.99 16.19 -38.25
CA ASN B 165 6.81 15.34 -38.25
C ASN B 165 5.99 15.64 -37.00
N PRO B 166 4.65 15.62 -37.10
CA PRO B 166 3.76 15.62 -35.92
C PRO B 166 4.10 14.58 -34.86
N PRO B 167 3.95 14.90 -33.56
CA PRO B 167 4.34 13.96 -32.51
C PRO B 167 3.45 12.73 -32.35
N GLY B 168 2.14 12.86 -32.63
CA GLY B 168 1.21 11.73 -32.54
C GLY B 168 0.22 11.87 -31.39
N ASP B 169 -1.07 11.91 -31.74
CA ASP B 169 -2.14 12.14 -30.78
C ASP B 169 -2.36 10.89 -29.94
N GLU B 170 -1.55 10.74 -28.88
CA GLU B 170 -1.66 9.63 -27.95
C GLU B 170 -2.54 10.01 -26.76
N ARG B 171 -3.30 11.10 -26.88
CA ARG B 171 -3.97 11.70 -25.74
C ARG B 171 -5.11 10.81 -25.24
N HIS B 172 -5.73 10.04 -26.15
CA HIS B 172 -6.78 9.10 -25.79
C HIS B 172 -6.27 7.99 -24.89
N MET B 173 -4.95 7.75 -24.92
CA MET B 173 -4.36 6.83 -23.96
C MET B 173 -4.12 7.53 -22.62
N LEU B 174 -3.53 8.72 -22.65
CA LEU B 174 -3.03 9.37 -21.45
C LEU B 174 -4.20 9.80 -20.57
N TRP B 175 -5.27 10.25 -21.22
CA TRP B 175 -6.57 10.50 -20.60
C TRP B 175 -7.05 9.28 -19.82
N PHE B 176 -7.03 8.09 -20.45
CA PHE B 176 -7.39 6.83 -19.82
C PHE B 176 -6.56 6.57 -18.57
N GLU B 177 -5.23 6.65 -18.73
CA GLU B 177 -4.29 6.52 -17.63
C GLU B 177 -4.69 7.43 -16.47
N LEU B 178 -5.07 8.66 -16.83
CA LEU B 178 -5.55 9.70 -15.93
C LEU B 178 -6.80 9.24 -15.19
N MET B 179 -7.68 8.46 -15.85
CA MET B 179 -8.94 8.10 -15.19
C MET B 179 -8.77 6.87 -14.28
N LYS B 180 -7.61 6.21 -14.38
CA LYS B 180 -7.43 4.99 -13.61
C LYS B 180 -7.45 5.22 -12.09
N PRO B 181 -6.73 6.19 -11.44
CA PRO B 181 -6.87 6.33 -9.99
C PRO B 181 -8.20 6.89 -9.51
N MET B 182 -9.03 7.38 -10.44
CA MET B 182 -10.32 7.97 -10.09
C MET B 182 -11.37 6.89 -9.83
N THR B 183 -10.98 5.64 -10.07
CA THR B 183 -11.80 4.48 -9.73
C THR B 183 -11.40 3.92 -8.37
N SER B 184 -10.71 4.71 -7.54
CA SER B 184 -10.21 4.26 -6.25
C SER B 184 -10.47 5.33 -5.21
N THR B 185 -10.52 4.94 -3.93
CA THR B 185 -10.61 5.91 -2.86
C THR B 185 -9.50 5.65 -1.84
N ALA B 186 -8.50 4.87 -2.24
CA ALA B 186 -7.30 4.63 -1.42
C ALA B 186 -6.53 5.93 -1.19
N THR B 187 -5.76 5.99 -0.11
CA THR B 187 -4.80 7.06 0.12
C THR B 187 -3.72 7.03 -0.97
N GLY B 188 -3.54 8.16 -1.66
CA GLY B 188 -2.51 8.26 -2.67
C GLY B 188 -3.05 8.20 -4.11
N ARG B 189 -4.38 8.08 -4.29
CA ARG B 189 -4.89 8.09 -5.65
C ARG B 189 -4.83 9.49 -6.25
N GLU B 190 -4.95 10.50 -5.37
CA GLU B 190 -4.89 11.90 -5.75
C GLU B 190 -3.57 12.21 -6.46
N ALA B 191 -2.47 11.78 -5.85
CA ALA B 191 -1.15 12.07 -6.38
C ALA B 191 -0.92 11.37 -7.71
N ALA B 192 -1.40 10.12 -7.84
CA ALA B 192 -1.20 9.35 -9.06
C ALA B 192 -2.02 9.93 -10.21
N HIS B 193 -3.20 10.47 -9.85
CA HIS B 193 -4.03 11.18 -10.81
C HIS B 193 -3.33 12.44 -11.30
N LEU B 194 -2.70 13.17 -10.38
CA LEU B 194 -1.99 14.39 -10.74
C LEU B 194 -0.77 14.09 -11.63
N ARG B 195 -0.09 12.96 -11.41
CA ARG B 195 1.06 12.62 -12.24
C ARG B 195 0.62 12.29 -13.67
N ALA B 196 -0.49 11.55 -13.79
CA ALA B 196 -0.98 11.15 -15.11
C ALA B 196 -1.54 12.36 -15.86
N PHE B 197 -2.16 13.29 -15.10
CA PHE B 197 -2.66 14.54 -15.68
C PHE B 197 -1.51 15.46 -16.09
N ARG B 198 -0.39 15.41 -15.37
CA ARG B 198 0.76 16.20 -15.75
C ARG B 198 1.33 15.67 -17.07
N ALA B 199 1.29 14.35 -17.28
CA ALA B 199 1.81 13.80 -18.52
C ALA B 199 0.90 14.16 -19.69
N TYR B 200 -0.42 14.18 -19.42
CA TYR B 200 -1.42 14.59 -20.40
C TYR B 200 -1.23 16.06 -20.75
N ALA B 201 -0.91 16.87 -19.73
CA ALA B 201 -0.67 18.30 -19.91
C ALA B 201 0.54 18.57 -20.80
N ALA B 202 1.63 17.84 -20.56
CA ALA B 202 2.86 18.05 -21.31
C ALA B 202 2.71 17.62 -22.78
N HIS B 203 2.00 16.50 -23.00
CA HIS B 203 1.80 16.01 -24.37
C HIS B 203 0.87 16.92 -25.15
N SER B 204 -0.19 17.41 -24.50
CA SER B 204 -1.11 18.39 -25.07
C SER B 204 -0.36 19.67 -25.45
N GLN B 205 0.58 20.08 -24.59
CA GLN B 205 1.36 21.29 -24.80
C GLN B 205 2.27 21.12 -26.02
N GLU B 206 2.93 19.97 -26.16
CA GLU B 206 3.80 19.69 -27.30
C GLU B 206 3.00 19.65 -28.60
N ILE B 207 1.77 19.14 -28.55
CA ILE B 207 0.89 19.09 -29.71
C ILE B 207 0.48 20.50 -30.14
N ALA B 208 0.16 21.38 -29.17
CA ALA B 208 -0.19 22.77 -29.46
C ALA B 208 1.02 23.55 -29.98
N LEU B 209 2.23 23.23 -29.50
CA LEU B 209 3.47 23.84 -29.96
C LEU B 209 3.70 23.54 -31.43
N HIS B 210 3.58 22.25 -31.80
CA HIS B 210 3.73 21.84 -33.18
C HIS B 210 2.61 22.40 -34.06
N GLN B 211 1.40 22.51 -33.50
CA GLN B 211 0.24 23.03 -34.22
C GLN B 211 0.41 24.50 -34.60
N ALA B 212 1.00 25.30 -33.69
CA ALA B 212 1.30 26.69 -34.00
C ALA B 212 2.46 26.80 -34.98
N HIS B 213 3.48 25.94 -34.86
CA HIS B 213 4.66 26.06 -35.70
C HIS B 213 4.44 25.51 -37.11
N THR B 214 3.37 24.74 -37.34
CA THR B 214 3.17 24.15 -38.67
C THR B 214 2.06 24.85 -39.47
N ALA B 215 1.18 25.61 -38.80
CA ALA B 215 0.03 26.17 -39.50
C ALA B 215 0.37 27.54 -40.10
N THR B 216 -0.43 27.97 -41.09
CA THR B 216 -0.35 29.34 -41.63
C THR B 216 -1.76 29.91 -41.77
N ASP B 217 -2.38 30.13 -40.62
CA ASP B 217 -3.68 30.78 -40.52
C ASP B 217 -3.71 31.55 -39.21
N ALA B 218 -4.48 32.64 -39.16
CA ALA B 218 -4.47 33.56 -38.02
C ALA B 218 -5.16 32.94 -36.81
N ALA B 219 -6.45 32.62 -36.96
CA ALA B 219 -7.24 32.10 -35.86
C ALA B 219 -6.75 30.72 -35.44
N VAL B 220 -6.13 29.99 -36.37
CA VAL B 220 -5.67 28.63 -36.12
C VAL B 220 -4.47 28.65 -35.18
N GLN B 221 -3.51 29.54 -35.42
CA GLN B 221 -2.40 29.52 -34.49
C GLN B 221 -2.76 30.30 -33.22
N ARG B 222 -3.78 31.14 -33.27
CA ARG B 222 -4.19 31.84 -32.05
C ARG B 222 -4.87 30.87 -31.08
N VAL B 223 -5.64 29.94 -31.63
CA VAL B 223 -6.05 28.75 -30.90
C VAL B 223 -4.83 27.98 -30.38
N ALA B 224 -3.82 27.73 -31.23
CA ALA B 224 -2.69 26.88 -30.88
C ALA B 224 -1.77 27.53 -29.83
N VAL B 225 -1.58 28.85 -29.93
CA VAL B 225 -0.76 29.61 -29.00
C VAL B 225 -1.47 29.76 -27.65
N ALA B 226 -2.79 30.00 -27.65
CA ALA B 226 -3.56 30.06 -26.41
C ALA B 226 -3.59 28.71 -25.71
N ASP B 227 -3.68 27.64 -26.49
CA ASP B 227 -3.63 26.28 -25.96
C ASP B 227 -2.26 26.01 -25.34
N TRP B 228 -1.19 26.40 -26.04
CA TRP B 228 0.16 26.21 -25.54
C TRP B 228 0.39 26.97 -24.23
N LEU B 229 -0.12 28.20 -24.13
CA LEU B 229 0.12 29.02 -22.95
C LEU B 229 -0.69 28.48 -21.77
N TYR B 230 -1.91 27.96 -22.06
CA TYR B 230 -2.75 27.37 -21.03
C TYR B 230 -2.10 26.13 -20.43
N TRP B 231 -1.56 25.27 -21.30
CA TRP B 231 -0.94 24.04 -20.83
C TRP B 231 0.44 24.29 -20.21
N GLN B 232 1.11 25.40 -20.58
CA GLN B 232 2.30 25.91 -19.91
C GLN B 232 1.95 26.23 -18.45
N TYR B 233 0.83 26.94 -18.22
CA TYR B 233 0.37 27.25 -16.87
C TYR B 233 -0.01 26.00 -16.07
N VAL B 234 -0.72 25.07 -16.72
CA VAL B 234 -1.21 23.88 -16.05
C VAL B 234 -0.05 22.96 -15.68
N THR B 235 0.92 22.78 -16.59
CA THR B 235 2.08 21.96 -16.32
C THR B 235 2.91 22.54 -15.17
N GLY B 236 3.02 23.86 -15.14
CA GLY B 236 3.77 24.51 -14.07
C GLY B 236 3.09 24.33 -12.71
N LEU B 237 1.75 24.49 -12.69
CA LEU B 237 1.00 24.36 -11.45
C LEU B 237 1.04 22.91 -10.93
N LEU B 238 0.93 21.95 -11.85
CA LEU B 238 0.97 20.56 -11.45
C LEU B 238 2.35 20.19 -10.95
N ASP B 239 3.41 20.75 -11.55
CA ASP B 239 4.77 20.45 -11.11
C ASP B 239 5.03 21.01 -9.71
N ARG B 240 4.55 22.22 -9.45
CA ARG B 240 4.70 22.81 -8.13
C ARG B 240 3.89 22.03 -7.10
N ALA B 241 2.69 21.59 -7.48
CA ALA B 241 1.82 20.91 -6.52
C ALA B 241 2.30 19.49 -6.22
N LEU B 242 2.84 18.79 -7.23
CA LEU B 242 3.39 17.45 -7.02
C LEU B 242 4.70 17.54 -6.22
N ALA B 243 5.45 18.62 -6.43
CA ALA B 243 6.74 18.75 -5.79
C ALA B 243 6.59 19.16 -4.32
N ALA B 244 5.56 19.94 -3.98
CA ALA B 244 5.46 20.49 -2.63
C ALA B 244 5.01 19.45 -1.60
N ALA B 245 4.31 18.40 -2.05
CA ALA B 245 3.95 17.27 -1.18
C ALA B 245 4.90 16.09 -1.38
N CYS B 246 6.11 16.36 -1.89
CA CYS B 246 7.16 15.40 -2.22
C CYS B 246 6.63 14.36 -3.22
#